data_6ANM
# 
_entry.id   6ANM 
# 
_audit_conform.dict_name       mmcif_pdbx.dic 
_audit_conform.dict_version    5.381 
_audit_conform.dict_location   http://mmcif.pdb.org/dictionaries/ascii/mmcif_pdbx.dic 
# 
loop_
_database_2.database_id 
_database_2.database_code 
_database_2.pdbx_database_accession 
_database_2.pdbx_DOI 
PDB   6ANM         pdb_00006anm 10.2210/pdb6anm/pdb 
WWPDB D_1000229512 ?            ?                   
# 
_pdbx_database_status.status_code                     REL 
_pdbx_database_status.status_code_sf                  REL 
_pdbx_database_status.status_code_mr                  ? 
_pdbx_database_status.entry_id                        6ANM 
_pdbx_database_status.recvd_initial_deposition_date   2017-08-14 
_pdbx_database_status.SG_entry                        N 
_pdbx_database_status.deposit_site                    RCSB 
_pdbx_database_status.process_site                    RCSB 
_pdbx_database_status.status_code_cs                  ? 
_pdbx_database_status.methods_development_category    ? 
_pdbx_database_status.pdb_format_compatible           Y 
_pdbx_database_status.status_code_nmr_data            ? 
# 
loop_
_audit_author.name 
_audit_author.pdbx_ordinal 
_audit_author.identifier_ORCID 
'Cameron, A.J.' 1 ? 
'Sarojini, V.'  2 ? 
'Squire, C.J.'  3 ? 
# 
_citation.abstract                  ? 
_citation.abstract_id_CAS           ? 
_citation.book_id_ISBN              ? 
_citation.book_publisher            ? 
_citation.book_publisher_city       ? 
_citation.book_title                ? 
_citation.coordinate_linkage        ? 
_citation.country                   DE 
_citation.database_id_Medline       ? 
_citation.details                   ? 
_citation.id                        primary 
_citation.journal_abbrev            'Chem Asian J' 
_citation.journal_id_ASTM           ? 
_citation.journal_id_CSD            ? 
_citation.journal_id_ISSN           1861-471X 
_citation.journal_full              ? 
_citation.journal_issue             ? 
_citation.journal_volume            12 
_citation.language                  ? 
_citation.page_first                3195 
_citation.page_last                 3202 
_citation.title                     
'Crystal and NMR Structures of a Peptidomimetic beta-Turn That Provides Facile Synthesis of 13-Membered Cyclic Tetrapeptides.' 
_citation.year                      2017 
_citation.database_id_CSD           ? 
_citation.pdbx_database_id_DOI      10.1002/asia.201701422 
_citation.pdbx_database_id_PubMed   29098772 
_citation.unpublished_flag          ? 
# 
loop_
_citation_author.citation_id 
_citation_author.name 
_citation_author.ordinal 
_citation_author.identifier_ORCID 
primary 'Cameron, A.J.'   1 ? 
primary 'Squire, C.J.'    2 ? 
primary 'Edwards, P.J.B.' 3 ? 
primary 'Harjes, E.'      4 ? 
primary 'Sarojini, V.'    5 ? 
# 
_cell.angle_alpha                  90.00 
_cell.angle_alpha_esd              ? 
_cell.angle_beta                   90.00 
_cell.angle_beta_esd               ? 
_cell.angle_gamma                  90.00 
_cell.angle_gamma_esd              ? 
_cell.entry_id                     6ANM 
_cell.details                      ? 
_cell.formula_units_Z              ? 
_cell.length_a                     12.242 
_cell.length_a_esd                 ? 
_cell.length_b                     15.554 
_cell.length_b_esd                 ? 
_cell.length_c                     26.670 
_cell.length_c_esd                 ? 
_cell.volume                       ? 
_cell.volume_esd                   ? 
_cell.Z_PDB                        8 
_cell.reciprocal_angle_alpha       ? 
_cell.reciprocal_angle_beta        ? 
_cell.reciprocal_angle_gamma       ? 
_cell.reciprocal_angle_alpha_esd   ? 
_cell.reciprocal_angle_beta_esd    ? 
_cell.reciprocal_angle_gamma_esd   ? 
_cell.reciprocal_length_a          ? 
_cell.reciprocal_length_b          ? 
_cell.reciprocal_length_c          ? 
_cell.reciprocal_length_a_esd      ? 
_cell.reciprocal_length_b_esd      ? 
_cell.reciprocal_length_c_esd      ? 
_cell.pdbx_unique_axis             ? 
# 
_symmetry.entry_id                         6ANM 
_symmetry.cell_setting                     ? 
_symmetry.Int_Tables_number                23 
_symmetry.space_group_name_Hall            ? 
_symmetry.space_group_name_H-M             'I 2 2 2' 
_symmetry.pdbx_full_space_group_name_H-M   ? 
# 
_entity.id                         1 
_entity.type                       polymer 
_entity.src_method                 syn 
_entity.pdbx_description           DLE-DPN-BE2-DAL 
_entity.formula_weight             468.545 
_entity.pdbx_number_of_molecules   1 
_entity.pdbx_ec                    ? 
_entity.pdbx_mutation              ? 
_entity.pdbx_fragment              ? 
_entity.details                    ? 
# 
_entity_poly.entity_id                      1 
_entity_poly.type                           'polypeptide(D)' 
_entity_poly.nstd_linkage                   no 
_entity_poly.nstd_monomer                   yes 
_entity_poly.pdbx_seq_one_letter_code       '(DLE)(DPN)(BE2)(DAL)' 
_entity_poly.pdbx_seq_one_letter_code_can   LFXA 
_entity_poly.pdbx_strand_id                 A 
_entity_poly.pdbx_target_identifier         ? 
# 
loop_
_entity_poly_seq.entity_id 
_entity_poly_seq.num 
_entity_poly_seq.mon_id 
_entity_poly_seq.hetero 
1 1 DLE n 
1 2 DPN n 
1 3 BE2 n 
1 4 DAL n 
# 
_pdbx_entity_src_syn.entity_id              1 
_pdbx_entity_src_syn.pdbx_src_id            1 
_pdbx_entity_src_syn.pdbx_alt_source_flag   sample 
_pdbx_entity_src_syn.pdbx_beg_seq_num       1 
_pdbx_entity_src_syn.pdbx_end_seq_num       4 
_pdbx_entity_src_syn.organism_scientific    'synthetic construct' 
_pdbx_entity_src_syn.organism_common_name   ? 
_pdbx_entity_src_syn.ncbi_taxonomy_id       32630 
_pdbx_entity_src_syn.details                ? 
# 
_struct_ref.id                         1 
_struct_ref.db_name                    PDB 
_struct_ref.db_code                    6ANM 
_struct_ref.pdbx_db_accession          6ANM 
_struct_ref.pdbx_db_isoform            ? 
_struct_ref.entity_id                  1 
_struct_ref.pdbx_seq_one_letter_code   ? 
_struct_ref.pdbx_align_begin           1 
# 
_struct_ref_seq.align_id                      1 
_struct_ref_seq.ref_id                        1 
_struct_ref_seq.pdbx_PDB_id_code              6ANM 
_struct_ref_seq.pdbx_strand_id                A 
_struct_ref_seq.seq_align_beg                 1 
_struct_ref_seq.pdbx_seq_align_beg_ins_code   ? 
_struct_ref_seq.seq_align_end                 4 
_struct_ref_seq.pdbx_seq_align_end_ins_code   ? 
_struct_ref_seq.pdbx_db_accession             6ANM 
_struct_ref_seq.db_align_beg                  1001 
_struct_ref_seq.pdbx_db_align_beg_ins_code    ? 
_struct_ref_seq.db_align_end                  1004 
_struct_ref_seq.pdbx_db_align_end_ins_code    ? 
_struct_ref_seq.pdbx_auth_seq_align_beg       1001 
_struct_ref_seq.pdbx_auth_seq_align_end       1004 
# 
loop_
_chem_comp.id 
_chem_comp.type 
_chem_comp.mon_nstd_flag 
_chem_comp.name 
_chem_comp.pdbx_synonyms 
_chem_comp.formula 
_chem_comp.formula_weight 
BE2 'L-peptide linking' . '2-AMINOBENZOIC ACID' ? 'C7 H7 N O2'  137.136 
DAL 'D-peptide linking' . D-ALANINE             ? 'C3 H7 N O2'  89.093  
DLE 'D-peptide linking' . D-LEUCINE             ? 'C6 H13 N O2' 131.173 
DPN 'D-peptide linking' . D-PHENYLALANINE       ? 'C9 H11 N O2' 165.189 
# 
_exptl.absorpt_coefficient_mu     ? 
_exptl.absorpt_correction_T_max   ? 
_exptl.absorpt_correction_T_min   ? 
_exptl.absorpt_correction_type    ? 
_exptl.absorpt_process_details    ? 
_exptl.entry_id                   6ANM 
_exptl.crystals_number            1 
_exptl.details                    ? 
_exptl.method                     'X-RAY DIFFRACTION' 
_exptl.method_details             ? 
# 
_exptl_crystal.colour                      ? 
_exptl_crystal.density_diffrn              ? 
_exptl_crystal.density_Matthews            1.35 
_exptl_crystal.density_method              ? 
_exptl_crystal.density_percent_sol         9.21 
_exptl_crystal.description                 ? 
_exptl_crystal.F_000                       ? 
_exptl_crystal.id                          1 
_exptl_crystal.preparation                 ? 
_exptl_crystal.size_max                    ? 
_exptl_crystal.size_mid                    ? 
_exptl_crystal.size_min                    ? 
_exptl_crystal.size_rad                    ? 
_exptl_crystal.colour_lustre               ? 
_exptl_crystal.colour_modifier             ? 
_exptl_crystal.colour_primary              ? 
_exptl_crystal.density_meas                ? 
_exptl_crystal.density_meas_esd            ? 
_exptl_crystal.density_meas_gt             ? 
_exptl_crystal.density_meas_lt             ? 
_exptl_crystal.density_meas_temp           ? 
_exptl_crystal.density_meas_temp_esd       ? 
_exptl_crystal.density_meas_temp_gt        ? 
_exptl_crystal.density_meas_temp_lt        ? 
_exptl_crystal.pdbx_crystal_image_url      ? 
_exptl_crystal.pdbx_crystal_image_format   ? 
_exptl_crystal.pdbx_mosaicity              ? 
_exptl_crystal.pdbx_mosaicity_esd          ? 
# 
_exptl_crystal_grow.apparatus       ? 
_exptl_crystal_grow.atmosphere      ? 
_exptl_crystal_grow.crystal_id      1 
_exptl_crystal_grow.details         ? 
_exptl_crystal_grow.method          EVAPORATION 
_exptl_crystal_grow.method_ref      ? 
_exptl_crystal_grow.pH              ? 
_exptl_crystal_grow.pressure        ? 
_exptl_crystal_grow.pressure_esd    ? 
_exptl_crystal_grow.seeding         ? 
_exptl_crystal_grow.seeding_ref     ? 
_exptl_crystal_grow.temp            293 
_exptl_crystal_grow.temp_details    ? 
_exptl_crystal_grow.temp_esd        ? 
_exptl_crystal_grow.time            ? 
_exptl_crystal_grow.pdbx_details    'evaporation from methanol/ethanol mixture' 
_exptl_crystal_grow.pdbx_pH_range   ? 
# 
_diffrn.ambient_environment    ? 
_diffrn.ambient_temp           100 
_diffrn.ambient_temp_details   ? 
_diffrn.ambient_temp_esd       ? 
_diffrn.crystal_id             1 
_diffrn.crystal_support        ? 
_diffrn.crystal_treatment      ? 
_diffrn.details                ? 
_diffrn.id                     1 
_diffrn.ambient_pressure       ? 
_diffrn.ambient_pressure_esd   ? 
_diffrn.ambient_pressure_gt    ? 
_diffrn.ambient_pressure_lt    ? 
_diffrn.ambient_temp_gt        ? 
_diffrn.ambient_temp_lt        ? 
# 
_diffrn_detector.details                      ? 
_diffrn_detector.detector                     CCD 
_diffrn_detector.diffrn_id                    1 
_diffrn_detector.type                         'ADSC QUANTUM 315r' 
_diffrn_detector.area_resol_mean              ? 
_diffrn_detector.dtime                        ? 
_diffrn_detector.pdbx_frames_total            ? 
_diffrn_detector.pdbx_collection_time_total   ? 
_diffrn_detector.pdbx_collection_date         2016-05-17 
# 
_diffrn_radiation.collimation                      ? 
_diffrn_radiation.diffrn_id                        1 
_diffrn_radiation.filter_edge                      ? 
_diffrn_radiation.inhomogeneity                    ? 
_diffrn_radiation.monochromator                    ? 
_diffrn_radiation.polarisn_norm                    ? 
_diffrn_radiation.polarisn_ratio                   ? 
_diffrn_radiation.probe                            ? 
_diffrn_radiation.type                             ? 
_diffrn_radiation.xray_symbol                      ? 
_diffrn_radiation.wavelength_id                    1 
_diffrn_radiation.pdbx_monochromatic_or_laue_m_l   M 
_diffrn_radiation.pdbx_wavelength_list             ? 
_diffrn_radiation.pdbx_wavelength                  ? 
_diffrn_radiation.pdbx_diffrn_protocol             'SINGLE WAVELENGTH' 
_diffrn_radiation.pdbx_analyzer                    ? 
_diffrn_radiation.pdbx_scattering_type             x-ray 
# 
_diffrn_radiation_wavelength.id           1 
_diffrn_radiation_wavelength.wavelength   0.71076 
_diffrn_radiation_wavelength.wt           1.0 
# 
_diffrn_source.current                     ? 
_diffrn_source.details                     ? 
_diffrn_source.diffrn_id                   1 
_diffrn_source.power                       ? 
_diffrn_source.size                        ? 
_diffrn_source.source                      SYNCHROTRON 
_diffrn_source.target                      ? 
_diffrn_source.type                        'AUSTRALIAN SYNCHROTRON BEAMLINE MX2' 
_diffrn_source.voltage                     ? 
_diffrn_source.take-off_angle              ? 
_diffrn_source.pdbx_wavelength_list        0.71076 
_diffrn_source.pdbx_wavelength             ? 
_diffrn_source.pdbx_synchrotron_beamline   MX2 
_diffrn_source.pdbx_synchrotron_site       'Australian Synchrotron' 
# 
_reflns.B_iso_Wilson_estimate            ? 
_reflns.entry_id                         6ANM 
_reflns.data_reduction_details           ? 
_reflns.data_reduction_method            ? 
_reflns.d_resolution_high                0.64 
_reflns.d_resolution_low                 13.44 
_reflns.details                          ? 
_reflns.limit_h_max                      ? 
_reflns.limit_h_min                      ? 
_reflns.limit_k_max                      ? 
_reflns.limit_k_min                      ? 
_reflns.limit_l_max                      ? 
_reflns.limit_l_min                      ? 
_reflns.number_all                       ? 
_reflns.number_obs                       4820 
_reflns.observed_criterion               ? 
_reflns.observed_criterion_F_max         ? 
_reflns.observed_criterion_F_min         ? 
_reflns.observed_criterion_I_max         ? 
_reflns.observed_criterion_I_min         ? 
_reflns.observed_criterion_sigma_F       ? 
_reflns.observed_criterion_sigma_I       ? 
_reflns.percent_possible_obs             85.2 
_reflns.R_free_details                   ? 
_reflns.Rmerge_F_all                     ? 
_reflns.Rmerge_F_obs                     ? 
_reflns.Friedel_coverage                 ? 
_reflns.number_gt                        ? 
_reflns.threshold_expression             ? 
_reflns.pdbx_redundancy                  13.8 
_reflns.pdbx_Rmerge_I_obs                0.113 
_reflns.pdbx_Rmerge_I_all                ? 
_reflns.pdbx_Rsym_value                  ? 
_reflns.pdbx_netI_over_av_sigmaI         ? 
_reflns.pdbx_netI_over_sigmaI            22.0 
_reflns.pdbx_res_netI_over_av_sigmaI_2   ? 
_reflns.pdbx_res_netI_over_sigmaI_2      ? 
_reflns.pdbx_chi_squared                 ? 
_reflns.pdbx_scaling_rejects             ? 
_reflns.pdbx_d_res_high_opt              ? 
_reflns.pdbx_d_res_low_opt               ? 
_reflns.pdbx_d_res_opt_method            ? 
_reflns.phase_calculation_details        ? 
_reflns.pdbx_Rrim_I_all                  ? 
_reflns.pdbx_Rpim_I_all                  0.033 
_reflns.pdbx_d_opt                       ? 
_reflns.pdbx_number_measured_all         ? 
_reflns.pdbx_diffrn_id                   1 
_reflns.pdbx_ordinal                     1 
_reflns.pdbx_CC_half                     0.990 
_reflns.pdbx_R_split                     ? 
# 
_reflns_shell.d_res_high                  0.64 
_reflns_shell.d_res_low                   0.65 
_reflns_shell.meanI_over_sigI_all         ? 
_reflns_shell.meanI_over_sigI_obs         7.7 
_reflns_shell.number_measured_all         ? 
_reflns_shell.number_measured_obs         ? 
_reflns_shell.number_possible             ? 
_reflns_shell.number_unique_all           ? 
_reflns_shell.number_unique_obs           54 
_reflns_shell.percent_possible_all        15.2 
_reflns_shell.percent_possible_obs        ? 
_reflns_shell.Rmerge_F_all                ? 
_reflns_shell.Rmerge_F_obs                ? 
_reflns_shell.Rmerge_I_all                ? 
_reflns_shell.Rmerge_I_obs                0.123 
_reflns_shell.meanI_over_sigI_gt          ? 
_reflns_shell.meanI_over_uI_all           ? 
_reflns_shell.meanI_over_uI_gt            ? 
_reflns_shell.number_measured_gt          ? 
_reflns_shell.number_unique_gt            ? 
_reflns_shell.percent_possible_gt         ? 
_reflns_shell.Rmerge_F_gt                 ? 
_reflns_shell.Rmerge_I_gt                 ? 
_reflns_shell.pdbx_redundancy             5.0 
_reflns_shell.pdbx_Rsym_value             ? 
_reflns_shell.pdbx_chi_squared            ? 
_reflns_shell.pdbx_netI_over_sigmaI_all   ? 
_reflns_shell.pdbx_netI_over_sigmaI_obs   ? 
_reflns_shell.pdbx_Rrim_I_all             ? 
_reflns_shell.pdbx_Rpim_I_all             0.068 
_reflns_shell.pdbx_rejects                ? 
_reflns_shell.pdbx_ordinal                1 
_reflns_shell.pdbx_diffrn_id              1 
_reflns_shell.pdbx_CC_half                0.971 
_reflns_shell.pdbx_R_split                ? 
# 
_refine.aniso_B[1][1]                            -0.03 
_refine.aniso_B[1][2]                            -0.00 
_refine.aniso_B[1][3]                            0.00 
_refine.aniso_B[2][2]                            0.01 
_refine.aniso_B[2][3]                            -0.00 
_refine.aniso_B[3][3]                            0.02 
_refine.B_iso_max                                ? 
_refine.B_iso_mean                               3.219 
_refine.B_iso_min                                ? 
_refine.correlation_coeff_Fo_to_Fc               0.987 
_refine.correlation_coeff_Fo_to_Fc_free          0.987 
_refine.details                                  'HYDROGENS HAVE BEEN USED IF PRESENT IN THE INPUT' 
_refine.diff_density_max                         ? 
_refine.diff_density_max_esd                     ? 
_refine.diff_density_min                         ? 
_refine.diff_density_min_esd                     ? 
_refine.diff_density_rms                         ? 
_refine.diff_density_rms_esd                     ? 
_refine.entry_id                                 6ANM 
_refine.pdbx_refine_id                           'X-RAY DIFFRACTION' 
_refine.ls_abs_structure_details                 ? 
_refine.ls_abs_structure_Flack                   ? 
_refine.ls_abs_structure_Flack_esd               ? 
_refine.ls_abs_structure_Rogers                  ? 
_refine.ls_abs_structure_Rogers_esd              ? 
_refine.ls_d_res_high                            0.64 
_refine.ls_d_res_low                             13.44 
_refine.ls_extinction_coef                       ? 
_refine.ls_extinction_coef_esd                   ? 
_refine.ls_extinction_expression                 ? 
_refine.ls_extinction_method                     ? 
_refine.ls_goodness_of_fit_all                   ? 
_refine.ls_goodness_of_fit_all_esd               ? 
_refine.ls_goodness_of_fit_obs                   ? 
_refine.ls_goodness_of_fit_obs_esd               ? 
_refine.ls_hydrogen_treatment                    ? 
_refine.ls_matrix_type                           ? 
_refine.ls_number_constraints                    ? 
_refine.ls_number_parameters                     ? 
_refine.ls_number_reflns_all                     ? 
_refine.ls_number_reflns_obs                     4569 
_refine.ls_number_reflns_R_free                  251 
_refine.ls_number_reflns_R_work                  ? 
_refine.ls_number_restraints                     ? 
_refine.ls_percent_reflns_obs                    85.23 
_refine.ls_percent_reflns_R_free                 5.2 
_refine.ls_R_factor_all                          ? 
_refine.ls_R_factor_obs                          0.08637 
_refine.ls_R_factor_R_free                       0.09010 
_refine.ls_R_factor_R_free_error                 ? 
_refine.ls_R_factor_R_free_error_details         ? 
_refine.ls_R_factor_R_work                       0.08620 
_refine.ls_R_Fsqd_factor_obs                     ? 
_refine.ls_R_I_factor_obs                        ? 
_refine.ls_redundancy_reflns_all                 ? 
_refine.ls_redundancy_reflns_obs                 ? 
_refine.ls_restrained_S_all                      ? 
_refine.ls_restrained_S_obs                      ? 
_refine.ls_shift_over_esd_max                    ? 
_refine.ls_shift_over_esd_mean                   ? 
_refine.ls_structure_factor_coef                 ? 
_refine.ls_weighting_details                     ? 
_refine.ls_weighting_scheme                      ? 
_refine.ls_wR_factor_all                         ? 
_refine.ls_wR_factor_obs                         ? 
_refine.ls_wR_factor_R_free                      ? 
_refine.ls_wR_factor_R_work                      ? 
_refine.occupancy_max                            ? 
_refine.occupancy_min                            ? 
_refine.solvent_model_details                    ? 
_refine.solvent_model_param_bsol                 ? 
_refine.solvent_model_param_ksol                 ? 
_refine.ls_R_factor_gt                           ? 
_refine.ls_goodness_of_fit_gt                    ? 
_refine.ls_goodness_of_fit_ref                   ? 
_refine.ls_shift_over_su_max                     ? 
_refine.ls_shift_over_su_max_lt                  ? 
_refine.ls_shift_over_su_mean                    ? 
_refine.ls_shift_over_su_mean_lt                 ? 
_refine.pdbx_ls_sigma_I                          ? 
_refine.pdbx_ls_sigma_F                          ? 
_refine.pdbx_ls_sigma_Fsqd                       ? 
_refine.pdbx_data_cutoff_high_absF               ? 
_refine.pdbx_data_cutoff_high_rms_absF           ? 
_refine.pdbx_data_cutoff_low_absF                ? 
_refine.pdbx_isotropic_thermal_model             ? 
_refine.pdbx_ls_cross_valid_method               THROUGHOUT 
_refine.pdbx_method_to_determine_struct          'AB INITIO PHASING' 
_refine.pdbx_starting_model                      ? 
_refine.pdbx_stereochemistry_target_values       ? 
_refine.pdbx_R_Free_selection_details            RANDOM 
_refine.pdbx_stereochem_target_val_spec_case     ? 
_refine.pdbx_overall_ESU_R                       0.006 
_refine.pdbx_overall_ESU_R_Free                  0.006 
_refine.pdbx_solvent_vdw_probe_radii             1.20 
_refine.pdbx_solvent_ion_probe_radii             0.80 
_refine.pdbx_solvent_shrinkage_radii             0.80 
_refine.pdbx_real_space_R                        ? 
_refine.pdbx_density_correlation                 ? 
_refine.pdbx_pd_number_of_powder_patterns        ? 
_refine.pdbx_pd_number_of_points                 ? 
_refine.pdbx_pd_meas_number_of_points            ? 
_refine.pdbx_pd_proc_ls_prof_R_factor            ? 
_refine.pdbx_pd_proc_ls_prof_wR_factor           ? 
_refine.pdbx_pd_Marquardt_correlation_coeff      ? 
_refine.pdbx_pd_Fsqrd_R_factor                   ? 
_refine.pdbx_pd_ls_matrix_band_width             ? 
_refine.pdbx_overall_phase_error                 ? 
_refine.pdbx_overall_SU_R_free_Cruickshank_DPI   ? 
_refine.pdbx_overall_SU_R_free_Blow_DPI          ? 
_refine.pdbx_overall_SU_R_Blow_DPI               ? 
_refine.pdbx_TLS_residual_ADP_flag               ? 
_refine.pdbx_diffrn_id                           1 
_refine.overall_SU_B                             0.066 
_refine.overall_SU_ML                            0.003 
_refine.overall_SU_R_Cruickshank_DPI             ? 
_refine.overall_SU_R_free                        ? 
_refine.overall_FOM_free_R_set                   ? 
_refine.overall_FOM_work_R_set                   ? 
_refine.pdbx_average_fsc_overall                 ? 
_refine.pdbx_average_fsc_work                    ? 
_refine.pdbx_average_fsc_free                    ? 
# 
_refine_hist.pdbx_refine_id                   'X-RAY DIFFRACTION' 
_refine_hist.cycle_id                         1 
_refine_hist.pdbx_number_atoms_protein        34 
_refine_hist.pdbx_number_atoms_nucleic_acid   0 
_refine_hist.pdbx_number_atoms_ligand         0 
_refine_hist.number_atoms_solvent             0 
_refine_hist.number_atoms_total               34 
_refine_hist.d_res_high                       0.64 
_refine_hist.d_res_low                        13.44 
# 
loop_
_refine_ls_restr.pdbx_refine_id 
_refine_ls_restr.criterion 
_refine_ls_restr.dev_ideal 
_refine_ls_restr.dev_ideal_target 
_refine_ls_restr.number 
_refine_ls_restr.rejects 
_refine_ls_restr.type 
_refine_ls_restr.weight 
_refine_ls_restr.pdbx_restraint_function 
'X-RAY DIFFRACTION' ? 0.023  0.020 40 ? r_bond_refined_d             ? ? 
'X-RAY DIFFRACTION' ? 0.004  0.020 36 ? r_bond_other_d               ? ? 
'X-RAY DIFFRACTION' ? 2.330  2.876 50 ? r_angle_refined_deg          ? ? 
'X-RAY DIFFRACTION' ? 1.454  3.000 76 ? r_angle_other_deg            ? ? 
'X-RAY DIFFRACTION' ? 13.120 5.000 1  ? r_dihedral_angle_1_deg       ? ? 
'X-RAY DIFFRACTION' ? ?      ?     ?  ? r_dihedral_angle_2_deg       ? ? 
'X-RAY DIFFRACTION' ? ?      ?     ?  ? r_dihedral_angle_3_deg       ? ? 
'X-RAY DIFFRACTION' ? ?      ?     ?  ? r_dihedral_angle_4_deg       ? ? 
'X-RAY DIFFRACTION' ? 2.578  0.200 4  ? r_chiral_restr               ? ? 
'X-RAY DIFFRACTION' ? 0.037  0.020 33 ? r_gen_planes_refined         ? ? 
'X-RAY DIFFRACTION' ? 0.013  0.020 16 ? r_gen_planes_other           ? ? 
'X-RAY DIFFRACTION' ? ?      ?     ?  ? r_nbd_refined                ? ? 
'X-RAY DIFFRACTION' ? ?      ?     ?  ? r_nbd_other                  ? ? 
'X-RAY DIFFRACTION' ? ?      ?     ?  ? r_nbtor_refined              ? ? 
'X-RAY DIFFRACTION' ? ?      ?     ?  ? r_nbtor_other                ? ? 
'X-RAY DIFFRACTION' ? ?      ?     ?  ? r_xyhbond_nbd_refined        ? ? 
'X-RAY DIFFRACTION' ? ?      ?     ?  ? r_xyhbond_nbd_other          ? ? 
'X-RAY DIFFRACTION' ? ?      ?     ?  ? r_metal_ion_refined          ? ? 
'X-RAY DIFFRACTION' ? ?      ?     ?  ? r_metal_ion_other            ? ? 
'X-RAY DIFFRACTION' ? ?      ?     ?  ? r_symmetry_vdw_refined       ? ? 
'X-RAY DIFFRACTION' ? ?      ?     ?  ? r_symmetry_vdw_other         ? ? 
'X-RAY DIFFRACTION' ? ?      ?     ?  ? r_symmetry_hbond_refined     ? ? 
'X-RAY DIFFRACTION' ? ?      ?     ?  ? r_symmetry_hbond_other       ? ? 
'X-RAY DIFFRACTION' ? ?      ?     ?  ? r_symmetry_metal_ion_refined ? ? 
'X-RAY DIFFRACTION' ? ?      ?     ?  ? r_symmetry_metal_ion_other   ? ? 
'X-RAY DIFFRACTION' ? 1.112  0.242 10 ? r_mcbond_it                  ? ? 
'X-RAY DIFFRACTION' ? 1.172  0.247 9  ? r_mcbond_other               ? ? 
'X-RAY DIFFRACTION' ? 1.909  0.379 9  ? r_mcangle_it                 ? ? 
'X-RAY DIFFRACTION' ? 1.812  0.371 10 ? r_mcangle_other              ? ? 
'X-RAY DIFFRACTION' ? 0.625  0.293 30 ? r_scbond_it                  ? ? 
'X-RAY DIFFRACTION' ? 0.622  0.295 30 ? r_scbond_other               ? ? 
'X-RAY DIFFRACTION' ? ?      ?     ?  ? r_scangle_it                 ? ? 
'X-RAY DIFFRACTION' ? 0.882  0.433 40 ? r_scangle_other              ? ? 
'X-RAY DIFFRACTION' ? 1.151  3.265 55 ? r_long_range_B_refined       ? ? 
'X-RAY DIFFRACTION' ? 1.142  3.265 56 ? r_long_range_B_other         ? ? 
'X-RAY DIFFRACTION' ? 4.205  3.000 75 ? r_rigid_bond_restr           ? ? 
'X-RAY DIFFRACTION' ? ?      ?     ?  ? r_sphericity_free            ? ? 
'X-RAY DIFFRACTION' ? 4.534  5.000 76 ? r_sphericity_bonded          ? ? 
# 
_refine_ls_shell.pdbx_refine_id                   'X-RAY DIFFRACTION' 
_refine_ls_shell.d_res_high                       0.635 
_refine_ls_shell.d_res_low                        0.652 
_refine_ls_shell.number_reflns_all                ? 
_refine_ls_shell.number_reflns_obs                ? 
_refine_ls_shell.number_reflns_R_free             7 
_refine_ls_shell.number_reflns_R_work             65 
_refine_ls_shell.percent_reflns_obs               17.65 
_refine_ls_shell.percent_reflns_R_free            ? 
_refine_ls_shell.R_factor_all                     ? 
_refine_ls_shell.R_factor_obs                     ? 
_refine_ls_shell.R_factor_R_free                  0.224 
_refine_ls_shell.R_factor_R_free_error            ? 
_refine_ls_shell.R_factor_R_work                  0.137 
_refine_ls_shell.redundancy_reflns_all            ? 
_refine_ls_shell.redundancy_reflns_obs            ? 
_refine_ls_shell.wR_factor_all                    ? 
_refine_ls_shell.wR_factor_obs                    ? 
_refine_ls_shell.wR_factor_R_free                 ? 
_refine_ls_shell.wR_factor_R_work                 ? 
_refine_ls_shell.pdbx_total_number_of_bins_used   20 
_refine_ls_shell.pdbx_phase_error                 ? 
_refine_ls_shell.pdbx_fsc_work                    ? 
_refine_ls_shell.pdbx_fsc_free                    ? 
# 
_struct.entry_id                     6ANM 
_struct.title                        'Structure of D-Leu-D-Phe-2-Abz-D-Ala at 0.64 Angstrom' 
_struct.pdbx_model_details           ? 
_struct.pdbx_formula_weight          ? 
_struct.pdbx_formula_weight_method   ? 
_struct.pdbx_model_type_details      ? 
_struct.pdbx_CASP_flag               N 
# 
_struct_keywords.entry_id        6ANM 
_struct_keywords.text            'unnatural amino acid, peptidomimetic beta-turn, D-amino acid, tetrapeptide, DE NOVO PROTEIN' 
_struct_keywords.pdbx_keywords   'DE NOVO PROTEIN' 
# 
_struct_asym.id                            A 
_struct_asym.pdbx_blank_PDB_chainid_flag   N 
_struct_asym.pdbx_modified                 N 
_struct_asym.entity_id                     1 
_struct_asym.details                       ? 
# 
loop_
_struct_conn.id 
_struct_conn.conn_type_id 
_struct_conn.pdbx_leaving_atom_flag 
_struct_conn.pdbx_PDB_id 
_struct_conn.ptnr1_label_asym_id 
_struct_conn.ptnr1_label_comp_id 
_struct_conn.ptnr1_label_seq_id 
_struct_conn.ptnr1_label_atom_id 
_struct_conn.pdbx_ptnr1_label_alt_id 
_struct_conn.pdbx_ptnr1_PDB_ins_code 
_struct_conn.pdbx_ptnr1_standard_comp_id 
_struct_conn.ptnr1_symmetry 
_struct_conn.ptnr2_label_asym_id 
_struct_conn.ptnr2_label_comp_id 
_struct_conn.ptnr2_label_seq_id 
_struct_conn.ptnr2_label_atom_id 
_struct_conn.pdbx_ptnr2_label_alt_id 
_struct_conn.pdbx_ptnr2_PDB_ins_code 
_struct_conn.ptnr1_auth_asym_id 
_struct_conn.ptnr1_auth_comp_id 
_struct_conn.ptnr1_auth_seq_id 
_struct_conn.ptnr2_auth_asym_id 
_struct_conn.ptnr2_auth_comp_id 
_struct_conn.ptnr2_auth_seq_id 
_struct_conn.ptnr2_symmetry 
_struct_conn.pdbx_ptnr3_label_atom_id 
_struct_conn.pdbx_ptnr3_label_seq_id 
_struct_conn.pdbx_ptnr3_label_comp_id 
_struct_conn.pdbx_ptnr3_label_asym_id 
_struct_conn.pdbx_ptnr3_label_alt_id 
_struct_conn.pdbx_ptnr3_PDB_ins_code 
_struct_conn.details 
_struct_conn.pdbx_dist_value 
_struct_conn.pdbx_value_order 
_struct_conn.pdbx_role 
covale1 covale both ? A DLE 1 C ? ? ? 1_555 A DPN 2 N ? ? A DLE 1001 A DPN 1002 1_555 ? ? ? ? ? ? ? 1.349 ? ? 
covale2 covale both ? A DPN 2 C ? ? ? 1_555 A BE2 3 N ? ? A DPN 1002 A BE2 1003 1_555 ? ? ? ? ? ? ? 1.352 ? ? 
covale3 covale both ? A BE2 3 C ? ? ? 1_555 A DAL 4 N ? ? A BE2 1003 A DAL 1004 1_555 ? ? ? ? ? ? ? 1.342 ? ? 
# 
_struct_conn_type.id          covale 
_struct_conn_type.criteria    ? 
_struct_conn_type.reference   ? 
# 
_atom_sites.entry_id                    6ANM 
_atom_sites.fract_transf_matrix[1][1]   -0.06711531 
_atom_sites.fract_transf_matrix[1][2]   0.04481599 
_atom_sites.fract_transf_matrix[1][3]   0.01263587 
_atom_sites.fract_transf_matrix[2][1]   0.03407567 
_atom_sites.fract_transf_matrix[2][2]   0.05369428 
_atom_sites.fract_transf_matrix[2][3]   -0.00944638 
_atom_sites.fract_transf_matrix[3][1]   -0.00786648 
_atom_sites.fract_transf_matrix[3][2]   -0.00145232 
_atom_sites.fract_transf_matrix[3][3]   -0.03663174 
_atom_sites.fract_transf_vector[1]      0.678872 
_atom_sites.fract_transf_vector[2]      0.412256 
_atom_sites.fract_transf_vector[3]      0.660353 
# 
loop_
_atom_type.symbol 
C 
H 
N 
O 
# 
loop_
_atom_site.group_PDB 
_atom_site.id 
_atom_site.type_symbol 
_atom_site.label_atom_id 
_atom_site.label_alt_id 
_atom_site.label_comp_id 
_atom_site.label_asym_id 
_atom_site.label_entity_id 
_atom_site.label_seq_id 
_atom_site.pdbx_PDB_ins_code 
_atom_site.Cartn_x 
_atom_site.Cartn_y 
_atom_site.Cartn_z 
_atom_site.occupancy 
_atom_site.B_iso_or_equiv 
_atom_site.pdbx_formal_charge 
_atom_site.auth_seq_id 
_atom_site.auth_comp_id 
_atom_site.auth_asym_id 
_atom_site.auth_atom_id 
_atom_site.pdbx_PDB_model_num 
HETATM 1  N N    . DLE A 1 1 ? 1.077  -0.530 2.579  1.00 1.78 ? 1001 DLE A N    1 
HETATM 2  C CA   . DLE A 1 1 ? -0.379 -0.797 2.606  1.00 3.40 ? 1001 DLE A CA   1 
HETATM 3  C CB   . DLE A 1 1 ? -0.668 -1.885 3.599  1.00 5.48 ? 1001 DLE A CB   1 
HETATM 4  C CG   . DLE A 1 1 ? -2.206 -2.222 3.601  1.00 5.91 ? 1001 DLE A CG   1 
HETATM 5  C CD1  . DLE A 1 1 ? -3.150 -1.075 3.840  1.00 7.79 ? 1001 DLE A CD1  1 
HETATM 6  C CD2  . DLE A 1 1 ? -2.471 -3.227 4.677  1.00 9.98 ? 1001 DLE A CD2  1 
HETATM 7  C C    . DLE A 1 1 ? -0.976 -1.143 1.233  1.00 3.12 ? 1001 DLE A C    1 
HETATM 8  O O    . DLE A 1 1 ? -2.024 -0.617 0.860  1.00 5.07 ? 1001 DLE A O    1 
HETATM 9  H H1   . DLE A 1 1 ? 1.311  -0.012 1.742  1.00 1.70 ? 1001 DLE A H1   1 
HETATM 10 H H2   . DLE A 1 1 ? 1.561  -1.356 2.584  1.00 1.66 ? 1001 DLE A H2   1 
HETATM 11 H H3   . DLE A 1 1 ? 1.322  -0.013 3.350  1.00 1.77 ? 1001 DLE A H3   1 
HETATM 12 H HA   . DLE A 1 1 ? -0.867 0.121  2.960  1.00 3.03 ? 1001 DLE A HA   1 
HETATM 13 H HB2  . DLE A 1 1 ? -0.371 -1.570 4.598  1.00 4.91 ? 1001 DLE A HB2  1 
HETATM 14 H HB3  . DLE A 1 1 ? -0.103 -2.784 3.344  1.00 5.44 ? 1001 DLE A HB3  1 
HETATM 15 H HG   . DLE A 1 1 ? -2.475 -2.712 2.656  1.00 6.68 ? 1001 DLE A HG   1 
HETATM 16 H HD11 . DLE A 1 1 ? -4.129 -1.446 4.004  1.00 5.35 ? 1001 DLE A HD11 1 
HETATM 17 H HD12 . DLE A 1 1 ? -2.834 -0.539 4.696  1.00 6.31 ? 1001 DLE A HD12 1 
HETATM 18 H HD13 . DLE A 1 1 ? -3.173 -0.419 3.013  1.00 7.43 ? 1001 DLE A HD13 1 
HETATM 19 H HD21 . DLE A 1 1 ? -1.753 -4.003 4.620  1.00 9.62 ? 1001 DLE A HD21 1 
HETATM 20 H HD22 . DLE A 1 1 ? -2.409 -2.760 5.626  1.00 9.37 ? 1001 DLE A HD22 1 
HETATM 21 H HD23 . DLE A 1 1 ? -3.440 -3.636 4.548  1.00 7.94 ? 1001 DLE A HD23 1 
HETATM 22 N N    . DPN A 1 2 ? -0.358 -2.114 0.528  1.00 1.90 ? 1002 DPN A N    1 
HETATM 23 C CA   . DPN A 1 2 ? -1.049 -2.674 -0.632 1.00 1.74 ? 1002 DPN A CA   1 
HETATM 24 C C    . DPN A 1 2 ? -1.050 -1.750 -1.858 1.00 1.88 ? 1002 DPN A C    1 
HETATM 25 O O    . DPN A 1 2 ? -1.851 -1.945 -2.766 1.00 2.73 ? 1002 DPN A O    1 
HETATM 26 C CB   . DPN A 1 2 ? -0.442 -4.036 -0.974 1.00 1.97 ? 1002 DPN A CB   1 
HETATM 27 C CG   A DPN A 1 2 ? -0.716 -5.052 0.165  0.50 2.16 ? 1002 DPN A CG   1 
HETATM 28 C CG   B DPN A 1 2 ? -1.277 -4.904 -1.893 0.50 1.79 ? 1002 DPN A CG   1 
HETATM 29 C CD1  A DPN A 1 2 ? 0.337  -5.704 0.814  0.50 3.76 ? 1002 DPN A CD1  1 
HETATM 30 C CD1  B DPN A 1 2 ? -2.507 -5.387 -1.446 0.50 1.83 ? 1002 DPN A CD1  1 
HETATM 31 C CD2  A DPN A 1 2 ? -2.035 -5.373 0.537  0.50 2.45 ? 1002 DPN A CD2  1 
HETATM 32 C CD2  B DPN A 1 2 ? -0.819 -5.304 -3.150 0.50 2.49 ? 1002 DPN A CD2  1 
HETATM 33 C CE1  A DPN A 1 2 ? 0.098  -6.650 1.805  0.50 4.73 ? 1002 DPN A CE1  1 
HETATM 34 C CE1  B DPN A 1 2 ? -3.264 -6.240 -2.243 0.50 2.03 ? 1002 DPN A CE1  1 
HETATM 35 C CE2  A DPN A 1 2 ? -2.274 -6.263 1.579  0.50 3.06 ? 1002 DPN A CE2  1 
HETATM 36 C CE2  B DPN A 1 2 ? -1.576 -6.140 -3.957 0.50 2.91 ? 1002 DPN A CE2  1 
HETATM 37 C CZ   A DPN A 1 2 ? -1.197 -6.904 2.222  0.50 4.29 ? 1002 DPN A CZ   1 
HETATM 38 C CZ   B DPN A 1 2 ? -2.798 -6.624 -3.519 0.50 2.60 ? 1002 DPN A CZ   1 
HETATM 39 H H    . DPN A 1 2 ? 0.556  -2.494 0.730  1.00 1.88 ? 1002 DPN A H    1 
HETATM 40 H HA   . DPN A 1 2 ? -2.095 -2.831 -0.367 1.00 1.74 ? 1002 DPN A HA   1 
HETATM 41 H HB2  . DPN A 1 2 ? 0.609  -3.995 -1.253 1.00 1.95 ? 1002 DPN A HB2  1 
HETATM 42 H HD1  A DPN A 1 2 ? 1.354  -5.494 0.511  0.50 3.31 ? 1002 DPN A HD1  1 
HETATM 43 H HD1  B DPN A 1 2 ? -2.866 -5.113 -0.462 0.50 1.92 ? 1002 DPN A HD1  1 
HETATM 44 H HD2  A DPN A 1 2 ? -2.869 -4.872 0.067  0.50 2.51 ? 1002 DPN A HD2  1 
HETATM 45 H HD2  B DPN A 1 2 ? 0.140  -4.939 -3.487 0.50 2.35 ? 1002 DPN A HD2  1 
HETATM 46 H HE1  A DPN A 1 2 ? 0.930  -7.122 2.313  0.50 3.63 ? 1002 DPN A HE1  1 
HETATM 47 H HE1  B DPN A 1 2 ? -4.224 -6.597 -1.894 0.50 2.12 ? 1002 DPN A HE1  1 
HETATM 48 H HE2  A DPN A 1 2 ? -3.292 -6.494 1.869  0.50 3.20 ? 1002 DPN A HE2  1 
HETATM 49 H HE2  B DPN A 1 2 ? -1.217 -6.429 -4.936 0.50 2.53 ? 1002 DPN A HE2  1 
HETATM 50 H HZ   A DPN A 1 2 ? -1.384 -7.631 3.003  0.50 3.77 ? 1002 DPN A HZ   1 
HETATM 51 H HZ   B DPN A 1 2 ? -3.397 -7.265 -4.155 0.50 2.08 ? 1002 DPN A HZ   1 
HETATM 52 C C    . BE2 A 1 3 ? 1.099  1.656  -0.940 1.00 1.92 ? 1003 BE2 A C    1 
HETATM 53 O O    . BE2 A 1 3 ? 1.128  0.762  -0.065 1.00 2.29 ? 1003 BE2 A O    1 
HETATM 54 C C1   . BE2 A 1 3 ? 0.901  1.349  -2.390 1.00 1.96 ? 1003 BE2 A C1   1 
HETATM 55 C CA   . BE2 A 1 3 ? 0.202  0.184  -2.793 1.00 1.86 ? 1003 BE2 A CA   1 
HETATM 56 C C3   . BE2 A 1 3 ? -0.120 0.006  -4.146 1.00 2.19 ? 1003 BE2 A C3   1 
HETATM 57 N N    . BE2 A 1 3 ? -0.117 -0.773 -1.820 1.00 1.88 ? 1003 BE2 A N    1 
HETATM 58 C C4   . BE2 A 1 3 ? 0.336  0.906  -5.089 1.00 2.51 ? 1003 BE2 A C4   1 
HETATM 59 C C5   . BE2 A 1 3 ? 1.114  1.993  -4.723 1.00 2.41 ? 1003 BE2 A C5   1 
HETATM 60 C C6   . BE2 A 1 3 ? 1.372  2.222  -3.373 1.00 2.18 ? 1003 BE2 A C6   1 
HETATM 61 H H3   . BE2 A 1 3 ? -0.567 -0.911 -4.501 1.00 2.13 ? 1003 BE2 A H3   1 
HETATM 62 H H    . BE2 A 1 3 ? 0.107  -0.469 -0.900 1.00 1.91 ? 1003 BE2 A H    1 
HETATM 63 H H4   . BE2 A 1 3 ? 0.177  0.699  -6.141 1.00 2.38 ? 1003 BE2 A H4   1 
HETATM 64 H H5   . BE2 A 1 3 ? 1.386  2.732  -5.461 1.00 2.23 ? 1003 BE2 A H5   1 
HETATM 65 H H6   . BE2 A 1 3 ? 1.850  3.152  -3.098 1.00 2.17 ? 1003 BE2 A H6   1 
HETATM 66 N N    . DAL A 1 4 ? 1.216  2.948  -0.596 1.00 2.09 ? 1004 DAL A N    1 
HETATM 67 C CA   . DAL A 1 4 ? 1.226  3.287  0.819  1.00 2.09 ? 1004 DAL A CA   1 
HETATM 68 C CB   . DAL A 1 4 ? 1.230  4.805  0.996  1.00 2.95 ? 1004 DAL A CB   1 
HETATM 69 C C    . DAL A 1 4 ? 2.445  2.667  1.531  1.00 1.91 ? 1004 DAL A C    1 
HETATM 70 O O    . DAL A 1 4 ? 2.217  2.126  2.647  1.00 2.98 ? 1004 DAL A O    1 
HETATM 71 O OXT  . DAL A 1 4 ? 3.569  2.776  0.994  1.00 2.27 ? 1004 DAL A OXT  1 
HETATM 72 H H    . DAL A 1 4 ? 1.116  3.756  -1.110 1.00 1.98 ? 1004 DAL A H    1 
HETATM 73 H HA   . DAL A 1 4 ? 0.311  2.916  1.309  1.00 2.10 ? 1004 DAL A HA   1 
HETATM 74 H HB1  . DAL A 1 4 ? 2.020  5.236  0.429  1.00 2.92 ? 1004 DAL A HB1  1 
HETATM 75 H HB2  . DAL A 1 4 ? 0.297  5.201  0.665  1.00 2.75 ? 1004 DAL A HB2  1 
HETATM 76 H HB3  . DAL A 1 4 ? 1.368  5.036  2.026  1.00 2.74 ? 1004 DAL A HB3  1 
# 
loop_
_atom_site_anisotrop.id 
_atom_site_anisotrop.type_symbol 
_atom_site_anisotrop.pdbx_label_atom_id 
_atom_site_anisotrop.pdbx_label_alt_id 
_atom_site_anisotrop.pdbx_label_comp_id 
_atom_site_anisotrop.pdbx_label_asym_id 
_atom_site_anisotrop.pdbx_label_seq_id 
_atom_site_anisotrop.pdbx_PDB_ins_code 
_atom_site_anisotrop.U[1][1] 
_atom_site_anisotrop.U[2][2] 
_atom_site_anisotrop.U[3][3] 
_atom_site_anisotrop.U[1][2] 
_atom_site_anisotrop.U[1][3] 
_atom_site_anisotrop.U[2][3] 
_atom_site_anisotrop.pdbx_auth_seq_id 
_atom_site_anisotrop.pdbx_auth_comp_id 
_atom_site_anisotrop.pdbx_auth_asym_id 
_atom_site_anisotrop.pdbx_auth_atom_id 
1  N N    . DLE A 1 ? 0.0280 0.0229 0.0168 -0.0076 -0.0002 -0.0002 1001 DLE A N    
2  C CA   . DLE A 1 ? 0.0321 0.0608 0.0363 -0.0247 0.0110  -0.0298 1001 DLE A CA   
3  C CB   . DLE A 1 ? 0.0931 0.0874 0.0274 -0.0719 0.0185  -0.0169 1001 DLE A CB   
4  C CG   . DLE A 1 ? 0.0820 0.1006 0.0418 -0.0627 0.0195  -0.0175 1001 DLE A CG   
5  C CD1  . DLE A 1 ? 0.0592 0.1662 0.0704 -0.0479 0.0264  -0.0554 1001 DLE A CD1  
6  C CD2  . DLE A 1 ? 0.1439 0.1705 0.0645 -0.1241 0.0090  0.0183  1001 DLE A CD2  
7  C C    . DLE A 1 ? 0.0255 0.0484 0.0443 -0.0127 0.0050  -0.0284 1001 DLE A C    
8  O O    . DLE A 1 ? 0.0258 0.0802 0.0865 0.0015  -0.0078 -0.0568 1001 DLE A O    
9  H H1   . DLE A 1 ? 0.0232 0.0256 0.0154 -0.0071 0.0037  -0.0025 1001 DLE A H1   
10 H H2   . DLE A 1 ? 0.0207 0.0256 0.0164 -0.0074 0.0029  -0.0050 1001 DLE A H2   
11 H H3   . DLE A 1 ? 0.0229 0.0253 0.0189 -0.0077 0.0030  -0.0036 1001 DLE A H3   
12 H HA   . DLE A 1 ? 0.0360 0.0493 0.0297 -0.0222 0.0051  -0.0159 1001 DLE A HA   
13 H HB2  . DLE A 1 ? 0.0662 0.0789 0.0415 -0.0537 0.0144  -0.0320 1001 DLE A HB2  
14 H HB3  . DLE A 1 ? 0.0709 0.0974 0.0381 -0.0586 0.0119  -0.0169 1001 DLE A HB3  
15 H HG   . DLE A 1 ? 0.0912 0.1166 0.0458 -0.0677 0.0167  -0.0231 1001 DLE A HG   
16 H HD11 . DLE A 1 ? 0.0481 0.0842 0.0708 -0.0180 0.0207  -0.0462 1001 DLE A HD11 
17 H HD12 . DLE A 1 ? 0.0601 0.1113 0.0683 -0.0442 0.0232  -0.0358 1001 DLE A HD12 
18 H HD13 . DLE A 1 ? 0.0625 0.1294 0.0905 -0.0379 0.0220  -0.0487 1001 DLE A HD13 
19 H HD21 . DLE A 1 ? 0.1344 0.1682 0.0629 -0.1136 0.0109  -0.0004 1001 DLE A HD21 
20 H HD22 . DLE A 1 ? 0.1178 0.1461 0.0920 -0.0922 0.0201  -0.0075 1001 DLE A HD22 
21 H HD23 . DLE A 1 ? 0.1042 0.1328 0.0645 -0.0791 0.0154  -0.0123 1001 DLE A HD23 
22 N N    . DPN A 2 ? 0.0264 0.0266 0.0189 -0.0080 -0.0006 -0.0038 1002 DPN A N    
23 C CA   . DPN A 2 ? 0.0227 0.0224 0.0210 -0.0067 -0.0016 -0.0044 1002 DPN A CA   
24 C C    . DPN A 2 ? 0.0240 0.0243 0.0231 -0.0031 -0.0047 -0.0043 1002 DPN A C    
25 O O    . DPN A 2 ? 0.0336 0.0418 0.0282 -0.0130 -0.0112 -0.0014 1002 DPN A O    
26 C CB   . DPN A 2 ? 0.0275 0.0243 0.0230 -0.0048 -0.0026 -0.0023 1002 DPN A CB   
27 C CG   A DPN A 2 ? 0.0311 0.0244 0.0262 -0.0093 -0.0044 -0.0028 1002 DPN A CG   
28 C CG   B DPN A 2 ? 0.0239 0.0193 0.0246 -0.0001 -0.0047 0.0005  1002 DPN A CG   
29 C CD1  A DPN A 2 ? 0.0389 0.0504 0.0533 -0.0135 -0.0184 0.0169  1002 DPN A CD1  
30 C CD1  B DPN A 2 ? 0.0234 0.0204 0.0256 -0.0032 -0.0064 0.0035  1002 DPN A CD1  
31 C CD2  A DPN A 2 ? 0.0371 0.0275 0.0283 -0.0042 0.0041  -0.0036 1002 DPN A CD2  
32 C CD2  B DPN A 2 ? 0.0311 0.0320 0.0313 -0.0037 0.0006  -0.0079 1002 DPN A CD2  
33 C CE1  A DPN A 2 ? 0.0566 0.0617 0.0611 -0.0085 -0.0252 0.0263  1002 DPN A CE1  
34 C CE1  B DPN A 2 ? 0.0237 0.0181 0.0351 -0.0014 -0.0071 0.0006  1002 DPN A CE1  
35 C CE2  A DPN A 2 ? 0.0599 0.0295 0.0267 -0.0085 0.0061  -0.0010 1002 DPN A CE2  
36 C CE2  B DPN A 2 ? 0.0399 0.0350 0.0354 -0.0034 0.0027  -0.0151 1002 DPN A CE2  
37 C CZ   A DPN A 2 ? 0.0718 0.0460 0.0450 -0.0124 -0.0107 0.0175  1002 DPN A CZ   
38 C CZ   B DPN A 2 ? 0.0317 0.0246 0.0422 -0.0017 -0.0081 -0.0115 1002 DPN A CZ   
39 H H    . DPN A 2 ? 0.0247 0.0258 0.0209 -0.0082 0.0007  -0.0077 1002 DPN A H    
40 H HA   . DPN A 2 ? 0.0220 0.0222 0.0217 -0.0041 -0.0015 -0.0046 1002 DPN A HA   
41 H HB2  . DPN A 2 ? 0.0270 0.0234 0.0237 -0.0037 -0.0030 -0.0024 1002 DPN A HB2  
42 H HD1  A DPN A 2 ? 0.0396 0.0433 0.0428 -0.0065 -0.0132 0.0097  1002 DPN A HD1  
43 H HD1  B DPN A 2 ? 0.0246 0.0200 0.0282 -0.0021 -0.0048 0.0012  1002 DPN A HD1  
44 H HD2  A DPN A 2 ? 0.0384 0.0272 0.0293 -0.0058 0.0018  -0.0022 1002 DPN A HD2  
45 H HD2  B DPN A 2 ? 0.0298 0.0295 0.0298 -0.0015 -0.0007 -0.0061 1002 DPN A HD2  
46 H HE1  A DPN A 2 ? 0.0448 0.0465 0.0466 -0.0030 -0.0096 0.0127  1002 DPN A HE1  
47 H HE1  B DPN A 2 ? 0.0237 0.0230 0.0336 -0.0009 -0.0057 -0.0015 1002 DPN A HE1  
48 H HE2  A DPN A 2 ? 0.0548 0.0355 0.0311 -0.0048 0.0012  0.0011  1002 DPN A HE2  
49 H HE2  B DPN A 2 ? 0.0328 0.0302 0.0329 -0.0018 -0.0007 -0.0113 1002 DPN A HE2  
50 H HZ   A DPN A 2 ? 0.0618 0.0430 0.0384 -0.0105 -0.0086 0.0123  1002 DPN A HZ   
51 H HZ   B DPN A 2 ? 0.0296 0.0215 0.0279 -0.0026 -0.0043 -0.0046 1002 DPN A HZ   
52 C C    . BE2 A 3 ? 0.0293 0.0210 0.0227 -0.0057 -0.0127 0.0057  1003 BE2 A C    
53 O O    . BE2 A 3 ? 0.0407 0.0230 0.0233 -0.0101 -0.0162 0.0082  1003 BE2 A O    
54 C C1   . BE2 A 3 ? 0.0336 0.0185 0.0222 -0.0007 -0.0104 0.0037  1003 BE2 A C1   
55 C CA   . BE2 A 3 ? 0.0298 0.0189 0.0221 0.0008  -0.0083 0.0025  1003 BE2 A CA   
56 C C3   . BE2 A 3 ? 0.0365 0.0252 0.0215 0.0018  -0.0074 -0.0032 1003 BE2 A C3   
57 N N    . BE2 A 3 ? 0.0273 0.0209 0.0233 -0.0051 -0.0089 0.0021  1003 BE2 A N    
58 C C4   . BE2 A 3 ? 0.0449 0.0287 0.0217 0.0057  -0.0043 -0.0019 1003 BE2 A C4   
59 C C5   . BE2 A 3 ? 0.0455 0.0229 0.0229 0.0075  0.0003  0.0048  1003 BE2 A C5   
60 C C6   . BE2 A 3 ? 0.0370 0.0202 0.0256 0.0010  -0.0052 0.0041  1003 BE2 A C6   
61 H H3   . BE2 A 3 ? 0.0352 0.0233 0.0223 0.0009  -0.0062 -0.0001 1003 BE2 A H3   
62 H H    . BE2 A 3 ? 0.0280 0.0211 0.0233 -0.0033 -0.0076 0.0006  1003 BE2 A H    
63 H H4   . BE2 A 3 ? 0.0422 0.0254 0.0227 0.0040  -0.0028 -0.0035 1003 BE2 A H4   
64 H H5   . BE2 A 3 ? 0.0407 0.0205 0.0233 0.0029  -0.0027 0.0027  1003 BE2 A H5   
65 H H6   . BE2 A 3 ? 0.0371 0.0212 0.0243 0.0014  -0.0063 0.0026  1003 BE2 A H6   
66 N N    . DAL A 4 ? 0.0367 0.0212 0.0214 -0.0049 -0.0136 0.0055  1004 DAL A N    
67 C CA   . DAL A 4 ? 0.0310 0.0270 0.0210 -0.0041 -0.0080 0.0022  1004 DAL A CA   
68 C CB   . DAL A 4 ? 0.0539 0.0283 0.0300 0.0038  -0.0130 -0.0033 1004 DAL A CB   
69 C C    . DAL A 4 ? 0.0351 0.0198 0.0177 -0.0082 -0.0103 0.0031  1004 DAL A C    
70 O O    . DAL A 4 ? 0.0508 0.0386 0.0237 -0.0214 -0.0182 0.0142  1004 DAL A O    
71 O OXT  . DAL A 4 ? 0.0351 0.0276 0.0235 0.0005  -0.0068 0.0006  1004 DAL A OXT  
72 H H    . DAL A 4 ? 0.0328 0.0208 0.0216 -0.0038 -0.0108 0.0053  1004 DAL A H    
73 H HA   . DAL A 4 ? 0.0327 0.0262 0.0209 -0.0047 -0.0083 0.0031  1004 DAL A HA   
74 H HB1  . DAL A 4 ? 0.0492 0.0314 0.0304 0.0037  -0.0128 -0.0043 1004 DAL A HB1  
75 H HB2  . DAL A 4 ? 0.0472 0.0277 0.0293 0.0015  -0.0072 -0.0040 1004 DAL A HB2  
76 H HB3  . DAL A 4 ? 0.0459 0.0276 0.0304 0.0007  -0.0085 -0.0056 1004 DAL A HB3  
# 
loop_
_pdbx_poly_seq_scheme.asym_id 
_pdbx_poly_seq_scheme.entity_id 
_pdbx_poly_seq_scheme.seq_id 
_pdbx_poly_seq_scheme.mon_id 
_pdbx_poly_seq_scheme.ndb_seq_num 
_pdbx_poly_seq_scheme.pdb_seq_num 
_pdbx_poly_seq_scheme.auth_seq_num 
_pdbx_poly_seq_scheme.pdb_mon_id 
_pdbx_poly_seq_scheme.auth_mon_id 
_pdbx_poly_seq_scheme.pdb_strand_id 
_pdbx_poly_seq_scheme.pdb_ins_code 
_pdbx_poly_seq_scheme.hetero 
A 1 1 DLE 1 1001 1001 DLE DLE A . n 
A 1 2 DPN 2 1002 1002 DPN DPN A . n 
A 1 3 BE2 3 1003 1003 BE2 BE2 A . n 
A 1 4 DAL 4 1004 1004 DAL DAL A . n 
# 
_pdbx_struct_assembly.id                   1 
_pdbx_struct_assembly.details              author_defined_assembly 
_pdbx_struct_assembly.method_details       ? 
_pdbx_struct_assembly.oligomeric_details   monomeric 
_pdbx_struct_assembly.oligomeric_count     1 
# 
_pdbx_struct_assembly_gen.assembly_id       1 
_pdbx_struct_assembly_gen.oper_expression   1 
_pdbx_struct_assembly_gen.asym_id_list      A 
# 
_pdbx_struct_oper_list.id                   1 
_pdbx_struct_oper_list.type                 'identity operation' 
_pdbx_struct_oper_list.name                 1_555 
_pdbx_struct_oper_list.symmetry_operation   x,y,z 
_pdbx_struct_oper_list.matrix[1][1]         1.0000000000 
_pdbx_struct_oper_list.matrix[1][2]         0.0000000000 
_pdbx_struct_oper_list.matrix[1][3]         0.0000000000 
_pdbx_struct_oper_list.vector[1]            0.0000000000 
_pdbx_struct_oper_list.matrix[2][1]         0.0000000000 
_pdbx_struct_oper_list.matrix[2][2]         1.0000000000 
_pdbx_struct_oper_list.matrix[2][3]         0.0000000000 
_pdbx_struct_oper_list.vector[2]            0.0000000000 
_pdbx_struct_oper_list.matrix[3][1]         0.0000000000 
_pdbx_struct_oper_list.matrix[3][2]         0.0000000000 
_pdbx_struct_oper_list.matrix[3][3]         1.0000000000 
_pdbx_struct_oper_list.vector[3]            0.0000000000 
# 
loop_
_pdbx_audit_revision_history.ordinal 
_pdbx_audit_revision_history.data_content_type 
_pdbx_audit_revision_history.major_revision 
_pdbx_audit_revision_history.minor_revision 
_pdbx_audit_revision_history.revision_date 
1 'Structure model' 1 0 2017-11-15 
2 'Structure model' 1 1 2017-12-06 
3 'Structure model' 1 2 2018-01-03 
4 'Structure model' 2 0 2023-11-15 
# 
_pdbx_audit_revision_details.ordinal             1 
_pdbx_audit_revision_details.revision_ordinal    1 
_pdbx_audit_revision_details.data_content_type   'Structure model' 
_pdbx_audit_revision_details.provider            repository 
_pdbx_audit_revision_details.type                'Initial release' 
_pdbx_audit_revision_details.description         ? 
_pdbx_audit_revision_details.details             ? 
# 
loop_
_pdbx_audit_revision_group.ordinal 
_pdbx_audit_revision_group.revision_ordinal 
_pdbx_audit_revision_group.data_content_type 
_pdbx_audit_revision_group.group 
1 2 'Structure model' 'Database references'  
2 3 'Structure model' 'Database references'  
3 4 'Structure model' 'Atomic model'         
4 4 'Structure model' 'Data collection'      
5 4 'Structure model' 'Database references'  
6 4 'Structure model' 'Derived calculations' 
# 
loop_
_pdbx_audit_revision_category.ordinal 
_pdbx_audit_revision_category.revision_ordinal 
_pdbx_audit_revision_category.data_content_type 
_pdbx_audit_revision_category.category 
1  2 'Structure model' citation                       
2  3 'Structure model' citation                       
3  4 'Structure model' atom_site                      
4  4 'Structure model' atom_site_anisotrop            
5  4 'Structure model' chem_comp_atom                 
6  4 'Structure model' chem_comp_bond                 
7  4 'Structure model' database_2                     
8  4 'Structure model' pdbx_validate_main_chain_plane 
9  4 'Structure model' pdbx_validate_rmsd_angle       
10 4 'Structure model' pdbx_validate_torsion          
11 4 'Structure model' struct_conn                    
# 
loop_
_pdbx_audit_revision_item.ordinal 
_pdbx_audit_revision_item.revision_ordinal 
_pdbx_audit_revision_item.data_content_type 
_pdbx_audit_revision_item.item 
1  2 'Structure model' '_citation.title'                         
2  3 'Structure model' '_citation.journal_volume'                
3  3 'Structure model' '_citation.page_first'                    
4  3 'Structure model' '_citation.page_last'                     
5  4 'Structure model' '_atom_site.auth_atom_id'                 
6  4 'Structure model' '_atom_site.label_atom_id'                
7  4 'Structure model' '_atom_site_anisotrop.pdbx_auth_atom_id'  
8  4 'Structure model' '_atom_site_anisotrop.pdbx_label_atom_id' 
9  4 'Structure model' '_database_2.pdbx_DOI'                    
10 4 'Structure model' '_database_2.pdbx_database_accession'     
11 4 'Structure model' '_struct_conn.pdbx_leaving_atom_flag'     
12 4 'Structure model' '_struct_conn.ptnr2_label_atom_id'        
# 
loop_
_software.citation_id 
_software.classification 
_software.compiler_name 
_software.compiler_version 
_software.contact_author 
_software.contact_author_email 
_software.date 
_software.description 
_software.dependencies 
_software.hardware 
_software.language 
_software.location 
_software.mods 
_software.name 
_software.os 
_software.os_version 
_software.type 
_software.version 
_software.pdbx_ordinal 
? refinement       ? ? ? ? ? ? ? ? ? ? ? REFMAC  ? ? ? 5.8.0158 1 
? 'data reduction' ? ? ? ? ? ? ? ? ? ? ? XDS     ? ? ? .        2 
? 'data scaling'   ? ? ? ? ? ? ? ? ? ? ? Aimless ? ? ? .        3 
? phasing          ? ? ? ? ? ? ? ? ? ? ? SHELXS  ? ? ? .        4 
# 
_pdbx_validate_rmsd_angle.id                         1 
_pdbx_validate_rmsd_angle.PDB_model_num              1 
_pdbx_validate_rmsd_angle.auth_atom_id_1             CA 
_pdbx_validate_rmsd_angle.auth_asym_id_1             A 
_pdbx_validate_rmsd_angle.auth_comp_id_1             BE2 
_pdbx_validate_rmsd_angle.auth_seq_id_1              1003 
_pdbx_validate_rmsd_angle.PDB_ins_code_1             ? 
_pdbx_validate_rmsd_angle.label_alt_id_1             ? 
_pdbx_validate_rmsd_angle.auth_atom_id_2             C 
_pdbx_validate_rmsd_angle.auth_asym_id_2             A 
_pdbx_validate_rmsd_angle.auth_comp_id_2             BE2 
_pdbx_validate_rmsd_angle.auth_seq_id_2              1003 
_pdbx_validate_rmsd_angle.PDB_ins_code_2             ? 
_pdbx_validate_rmsd_angle.label_alt_id_2             ? 
_pdbx_validate_rmsd_angle.auth_atom_id_3             N 
_pdbx_validate_rmsd_angle.auth_asym_id_3             A 
_pdbx_validate_rmsd_angle.auth_comp_id_3             DAL 
_pdbx_validate_rmsd_angle.auth_seq_id_3              1004 
_pdbx_validate_rmsd_angle.PDB_ins_code_3             ? 
_pdbx_validate_rmsd_angle.label_alt_id_3             ? 
_pdbx_validate_rmsd_angle.angle_value                141.09 
_pdbx_validate_rmsd_angle.angle_target_value         117.20 
_pdbx_validate_rmsd_angle.angle_deviation            23.89 
_pdbx_validate_rmsd_angle.angle_standard_deviation   2.20 
_pdbx_validate_rmsd_angle.linker_flag                Y 
# 
_pdbx_validate_torsion.id              1 
_pdbx_validate_torsion.PDB_model_num   1 
_pdbx_validate_torsion.auth_comp_id    BE2 
_pdbx_validate_torsion.auth_asym_id    A 
_pdbx_validate_torsion.auth_seq_id     1003 
_pdbx_validate_torsion.PDB_ins_code    ? 
_pdbx_validate_torsion.label_alt_id    ? 
_pdbx_validate_torsion.phi             155.40 
_pdbx_validate_torsion.psi             -146.47 
# 
_pdbx_validate_main_chain_plane.id                       1 
_pdbx_validate_main_chain_plane.PDB_model_num            1 
_pdbx_validate_main_chain_plane.auth_comp_id             BE2 
_pdbx_validate_main_chain_plane.auth_asym_id             A 
_pdbx_validate_main_chain_plane.auth_seq_id              1003 
_pdbx_validate_main_chain_plane.PDB_ins_code             ? 
_pdbx_validate_main_chain_plane.label_alt_id             ? 
_pdbx_validate_main_chain_plane.improper_torsion_angle   -13.43 
# 
loop_
_chem_comp_atom.comp_id 
_chem_comp_atom.atom_id 
_chem_comp_atom.type_symbol 
_chem_comp_atom.pdbx_aromatic_flag 
_chem_comp_atom.pdbx_stereo_config 
_chem_comp_atom.pdbx_ordinal 
BE2 C    C N N 1  
BE2 O    O N N 2  
BE2 OXT  O N N 3  
BE2 C1   C Y N 4  
BE2 CA   C Y N 5  
BE2 C3   C Y N 6  
BE2 N    N N N 7  
BE2 C4   C Y N 8  
BE2 C5   C Y N 9  
BE2 C6   C Y N 10 
BE2 HXT  H N N 11 
BE2 H3   H N N 12 
BE2 H    H N N 13 
BE2 H2   H N N 14 
BE2 H4   H N N 15 
BE2 H5   H N N 16 
BE2 H6   H N N 17 
DAL N    N N N 18 
DAL CA   C N R 19 
DAL CB   C N N 20 
DAL C    C N N 21 
DAL O    O N N 22 
DAL OXT  O N N 23 
DAL H    H N N 24 
DAL H2   H N N 25 
DAL HA   H N N 26 
DAL HB1  H N N 27 
DAL HB2  H N N 28 
DAL HB3  H N N 29 
DAL HXT  H N N 30 
DLE N    N N N 31 
DLE CA   C N R 32 
DLE CB   C N N 33 
DLE CG   C N N 34 
DLE CD1  C N N 35 
DLE CD2  C N N 36 
DLE C    C N N 37 
DLE O    O N N 38 
DLE OXT  O N N 39 
DLE H    H N N 40 
DLE H2   H N N 41 
DLE HA   H N N 42 
DLE HB2  H N N 43 
DLE HB3  H N N 44 
DLE HG   H N N 45 
DLE HD11 H N N 46 
DLE HD12 H N N 47 
DLE HD13 H N N 48 
DLE HD21 H N N 49 
DLE HD22 H N N 50 
DLE HD23 H N N 51 
DLE HXT  H N N 52 
DPN N    N N N 53 
DPN CA   C N R 54 
DPN C    C N N 55 
DPN O    O N N 56 
DPN OXT  O N N 57 
DPN CB   C N N 58 
DPN CG   C Y N 59 
DPN CD1  C Y N 60 
DPN CD2  C Y N 61 
DPN CE1  C Y N 62 
DPN CE2  C Y N 63 
DPN CZ   C Y N 64 
DPN H    H N N 65 
DPN H2   H N N 66 
DPN HA   H N N 67 
DPN HXT  H N N 68 
DPN HB2  H N N 69 
DPN HB3  H N N 70 
DPN HD1  H N N 71 
DPN HD2  H N N 72 
DPN HE1  H N N 73 
DPN HE2  H N N 74 
DPN HZ   H N N 75 
# 
loop_
_chem_comp_bond.comp_id 
_chem_comp_bond.atom_id_1 
_chem_comp_bond.atom_id_2 
_chem_comp_bond.value_order 
_chem_comp_bond.pdbx_aromatic_flag 
_chem_comp_bond.pdbx_stereo_config 
_chem_comp_bond.pdbx_ordinal 
BE2 C   O    doub N N 1  
BE2 C   OXT  sing N N 2  
BE2 C   C1   sing N N 3  
BE2 OXT HXT  sing N N 4  
BE2 C1  CA   doub Y N 5  
BE2 C1  C6   sing Y N 6  
BE2 CA  C3   sing Y N 7  
BE2 CA  N    sing N N 8  
BE2 C3  C4   doub Y N 9  
BE2 C3  H3   sing N N 10 
BE2 N   H    sing N N 11 
BE2 N   H2   sing N N 12 
BE2 C4  C5   sing Y N 13 
BE2 C4  H4   sing N N 14 
BE2 C5  C6   doub Y N 15 
BE2 C5  H5   sing N N 16 
BE2 C6  H6   sing N N 17 
DAL N   CA   sing N N 18 
DAL N   H    sing N N 19 
DAL N   H2   sing N N 20 
DAL CA  CB   sing N N 21 
DAL CA  C    sing N N 22 
DAL CA  HA   sing N N 23 
DAL CB  HB1  sing N N 24 
DAL CB  HB2  sing N N 25 
DAL CB  HB3  sing N N 26 
DAL C   O    doub N N 27 
DAL C   OXT  sing N N 28 
DAL OXT HXT  sing N N 29 
DLE N   CA   sing N N 30 
DLE N   H    sing N N 31 
DLE N   H2   sing N N 32 
DLE CA  CB   sing N N 33 
DLE CA  C    sing N N 34 
DLE CA  HA   sing N N 35 
DLE CB  CG   sing N N 36 
DLE CB  HB2  sing N N 37 
DLE CB  HB3  sing N N 38 
DLE CG  CD1  sing N N 39 
DLE CG  CD2  sing N N 40 
DLE CG  HG   sing N N 41 
DLE CD1 HD11 sing N N 42 
DLE CD1 HD12 sing N N 43 
DLE CD1 HD13 sing N N 44 
DLE CD2 HD21 sing N N 45 
DLE CD2 HD22 sing N N 46 
DLE CD2 HD23 sing N N 47 
DLE C   O    doub N N 48 
DLE C   OXT  sing N N 49 
DLE OXT HXT  sing N N 50 
DPN N   CA   sing N N 51 
DPN N   H    sing N N 52 
DPN N   H2   sing N N 53 
DPN CA  C    sing N N 54 
DPN CA  CB   sing N N 55 
DPN CA  HA   sing N N 56 
DPN C   O    doub N N 57 
DPN C   OXT  sing N N 58 
DPN OXT HXT  sing N N 59 
DPN CB  CG   sing N N 60 
DPN CB  HB2  sing N N 61 
DPN CB  HB3  sing N N 62 
DPN CG  CD1  doub Y N 63 
DPN CG  CD2  sing Y N 64 
DPN CD1 CE1  sing Y N 65 
DPN CD1 HD1  sing N N 66 
DPN CD2 CE2  doub Y N 67 
DPN CD2 HD2  sing N N 68 
DPN CE1 CZ   doub Y N 69 
DPN CE1 HE1  sing N N 70 
DPN CE2 CZ   sing Y N 71 
DPN CE2 HE2  sing N N 72 
DPN CZ  HZ   sing N N 73 
# 
loop_
_pdbx_entity_instance_feature.ordinal 
_pdbx_entity_instance_feature.comp_id 
_pdbx_entity_instance_feature.asym_id 
_pdbx_entity_instance_feature.seq_num 
_pdbx_entity_instance_feature.auth_comp_id 
_pdbx_entity_instance_feature.auth_asym_id 
_pdbx_entity_instance_feature.auth_seq_num 
_pdbx_entity_instance_feature.feature_type 
_pdbx_entity_instance_feature.details 
1 BE2 ? ? BE2 ? ? 'SUBJECT OF INVESTIGATION' ? 
2 DAL ? ? DAL ? ? 'SUBJECT OF INVESTIGATION' ? 
3 DLE ? ? DLE ? ? 'SUBJECT OF INVESTIGATION' ? 
4 DPN ? ? DPN ? ? 'SUBJECT OF INVESTIGATION' ? 
# 
_pdbx_struct_assembly_auth_evidence.id                     1 
_pdbx_struct_assembly_auth_evidence.assembly_id            1 
_pdbx_struct_assembly_auth_evidence.experimental_support   none 
_pdbx_struct_assembly_auth_evidence.details                ? 
# 
